data_1N6J
#
_entry.id   1N6J
#
_cell.length_a   70.140
_cell.length_b   70.140
_cell.length_c   151.880
_cell.angle_alpha   90.00
_cell.angle_beta   90.00
_cell.angle_gamma   90.00
#
_symmetry.space_group_name_H-M   'P 41 2 2'
#
loop_
_entity.id
_entity.type
_entity.pdbx_description
1 polymer "5'-D(*AP*GP*CP*TP*AP*TP*TP*TP*AP*TP*AP*AP*GP*C)-3'"
2 polymer "5'-D(*GP*CP*TP*TP*AP*TP*AP*AP*AP*TP*AP*GP*CP*T)-3'"
3 polymer 'Myocyte-specific enhancer factor 2B'
4 polymer 'Calcineurin-binding protein Cabin 1'
5 water water
#
loop_
_entity_poly.entity_id
_entity_poly.type
_entity_poly.pdbx_seq_one_letter_code
_entity_poly.pdbx_strand_id
1 'polydeoxyribonucleotide' (DA)(DG)(DC)(DT)(DA)(DT)(DT)(DT)(DA)(DT)(DA)(DA)(DG)(DC) C
2 'polydeoxyribonucleotide' (DG)(DC)(DT)(DT)(DA)(DT)(DA)(DA)(DA)(DT)(DA)(DG)(DC)(DT) D
3 'polypeptide(L)'
;GRKKIQISRILDQRNRQVTFTKRKFGLMKKAYELSVLCDCEIALIIFNSANRLFQYASTDMDRVLLKYTEYSEPHESRTN
TDILETLKRRGIG
;
A,B
4 'polypeptide(L)' TLLSPKGSISEETKQKLKSAILSAQSAANVRKESL G
#
loop_
_chem_comp.id
_chem_comp.type
_chem_comp.name
_chem_comp.formula
DA DNA linking 2'-DEOXYADENOSINE-5'-MONOPHOSPHATE 'C10 H14 N5 O6 P'
DC DNA linking 2'-DEOXYCYTIDINE-5'-MONOPHOSPHATE 'C9 H14 N3 O7 P'
DG DNA linking 2'-DEOXYGUANOSINE-5'-MONOPHOSPHATE 'C10 H14 N5 O7 P'
DT DNA linking THYMIDINE-5'-MONOPHOSPHATE 'C10 H15 N2 O8 P'
#
# COMPACT_ATOMS: atom_id res chain seq x y z
N GLY C 1 21.98 2.82 2.44
CA GLY C 1 22.81 1.94 3.31
C GLY C 1 24.27 2.01 2.95
N ARG C 2 25.11 1.34 3.74
CA ARG C 2 26.54 1.35 3.47
C ARG C 2 26.81 0.95 2.03
N LYS C 3 25.99 0.05 1.50
CA LYS C 3 26.17 -0.43 0.14
C LYS C 3 24.85 -0.48 -0.61
N LYS C 4 24.89 -0.26 -1.92
CA LYS C 4 23.70 -0.32 -2.74
C LYS C 4 23.35 -1.79 -3.00
N ILE C 5 22.10 -2.15 -2.76
CA ILE C 5 21.66 -3.52 -2.99
C ILE C 5 20.81 -3.61 -4.25
N GLN C 6 20.98 -4.69 -4.99
CA GLN C 6 20.20 -4.91 -6.20
C GLN C 6 18.82 -5.34 -5.76
N ILE C 7 17.83 -5.10 -6.61
CA ILE C 7 16.48 -5.49 -6.26
C ILE C 7 16.19 -6.90 -6.75
N SER C 8 16.48 -7.87 -5.89
CA SER C 8 16.23 -9.29 -6.16
C SER C 8 16.13 -9.97 -4.80
N ARG C 9 15.46 -11.11 -4.77
CA ARG C 9 15.25 -11.83 -3.52
C ARG C 9 16.51 -11.90 -2.66
N ILE C 10 16.36 -11.53 -1.40
CA ILE C 10 17.47 -11.57 -0.46
C ILE C 10 17.67 -13.04 -0.11
N LEU C 11 18.88 -13.54 -0.35
CA LEU C 11 19.20 -14.95 -0.10
C LEU C 11 19.23 -15.36 1.37
N ASP C 12 19.88 -14.57 2.20
CA ASP C 12 19.98 -14.90 3.61
C ASP C 12 18.64 -14.71 4.36
N GLN C 13 18.13 -15.80 4.92
CA GLN C 13 16.86 -15.76 5.66
C GLN C 13 16.81 -14.72 6.78
N ARG C 14 17.89 -14.58 7.53
CA ARG C 14 17.94 -13.61 8.64
C ARG C 14 17.86 -12.18 8.13
N ASN C 15 18.66 -11.87 7.11
CA ASN C 15 18.68 -10.53 6.55
C ASN C 15 17.38 -10.20 5.82
N ARG C 16 16.76 -11.21 5.21
CA ARG C 16 15.51 -11.00 4.49
C ARG C 16 14.42 -10.62 5.48
N GLN C 17 14.37 -11.29 6.62
CA GLN C 17 13.38 -11.02 7.66
C GLN C 17 13.60 -9.66 8.34
N VAL C 18 14.86 -9.25 8.46
CA VAL C 18 15.17 -7.97 9.09
C VAL C 18 14.80 -6.85 8.14
N THR C 19 15.19 -6.99 6.87
CA THR C 19 14.85 -5.98 5.87
C THR C 19 13.32 -5.87 5.73
N PHE C 20 12.63 -7.01 5.85
CA PHE C 20 11.18 -7.03 5.75
C PHE C 20 10.53 -6.16 6.81
N THR C 21 10.91 -6.39 8.06
CA THR C 21 10.37 -5.66 9.19
C THR C 21 10.63 -4.17 9.09
N LYS C 22 11.84 -3.76 8.74
CA LYS C 22 12.10 -2.33 8.67
C LYS C 22 11.54 -1.66 7.43
N ARG C 23 11.59 -2.31 6.27
CA ARG C 23 11.03 -1.70 5.06
C ARG C 23 9.52 -1.66 5.11
N LYS C 24 8.94 -2.62 5.83
CA LYS C 24 7.48 -2.66 5.99
C LYS C 24 7.05 -1.42 6.78
N PHE C 25 7.77 -1.07 7.83
CA PHE C 25 7.42 0.10 8.61
C PHE C 25 7.65 1.34 7.76
N GLY C 26 8.76 1.36 7.03
CA GLY C 26 9.07 2.49 6.17
C GLY C 26 7.98 2.75 5.15
N LEU C 27 7.38 1.67 4.65
CA LEU C 27 6.31 1.79 3.66
C LEU C 27 5.04 2.31 4.31
N MET C 28 4.71 1.79 5.48
CA MET C 28 3.52 2.29 6.17
C MET C 28 3.73 3.74 6.56
N LYS C 29 4.92 4.08 7.04
CA LYS C 29 5.21 5.46 7.42
C LYS C 29 4.95 6.38 6.26
N LYS C 30 5.45 6.01 5.09
CA LYS C 30 5.25 6.83 3.91
C LYS C 30 3.78 6.87 3.46
N ALA C 31 3.03 5.79 3.72
CA ALA C 31 1.62 5.75 3.37
C ALA C 31 0.88 6.75 4.28
N TYR C 32 1.25 6.76 5.56
CA TYR C 32 0.66 7.67 6.53
C TYR C 32 0.90 9.10 6.09
N GLU C 33 2.17 9.46 5.81
CA GLU C 33 2.50 10.81 5.38
C GLU C 33 1.72 11.19 4.12
N LEU C 34 1.62 10.28 3.17
CA LEU C 34 0.90 10.58 1.96
C LEU C 34 -0.58 10.86 2.24
N SER C 35 -1.21 10.08 3.13
CA SER C 35 -2.63 10.27 3.44
C SER C 35 -2.89 11.62 4.12
N VAL C 36 -2.00 12.04 5.00
CA VAL C 36 -2.17 13.31 5.70
C VAL C 36 -1.81 14.51 4.80
N LEU C 37 -0.64 14.47 4.18
CA LEU C 37 -0.20 15.56 3.32
C LEU C 37 -1.13 15.87 2.15
N CYS C 38 -1.66 14.83 1.52
CA CYS C 38 -2.51 15.06 0.36
C CYS C 38 -4.00 14.74 0.53
N ASP C 39 -4.39 14.46 1.77
CA ASP C 39 -5.78 14.17 2.10
C ASP C 39 -6.39 13.06 1.26
N CYS C 40 -5.82 11.86 1.36
CA CYS C 40 -6.33 10.72 0.63
C CYS C 40 -6.51 9.57 1.60
N GLU C 41 -7.26 8.56 1.18
CA GLU C 41 -7.52 7.39 2.00
C GLU C 41 -6.71 6.22 1.45
N ILE C 42 -5.93 5.57 2.31
CA ILE C 42 -5.05 4.50 1.87
C ILE C 42 -5.17 3.18 2.64
N ALA C 43 -5.09 2.08 1.91
CA ALA C 43 -5.09 0.73 2.48
C ALA C 43 -3.88 -0.01 1.91
N LEU C 44 -3.19 -0.75 2.77
CA LEU C 44 -2.03 -1.53 2.37
C LEU C 44 -2.18 -2.95 2.92
N ILE C 45 -2.06 -3.92 2.02
CA ILE C 45 -2.17 -5.34 2.37
C ILE C 45 -0.88 -6.07 1.95
N ILE C 46 -0.22 -6.71 2.90
CA ILE C 46 1.04 -7.42 2.66
C ILE C 46 0.99 -8.87 3.18
N PHE C 47 1.35 -9.81 2.32
CA PHE C 47 1.41 -11.21 2.72
C PHE C 47 2.88 -11.58 2.64
N ASN C 48 3.49 -12.03 3.73
CA ASN C 48 4.90 -12.42 3.62
C ASN C 48 5.01 -13.83 3.01
N SER C 49 6.24 -14.31 2.87
CA SER C 49 6.51 -15.62 2.28
C SER C 49 5.83 -16.78 3.00
N ALA C 50 5.54 -16.60 4.29
CA ALA C 50 4.87 -17.63 5.08
C ALA C 50 3.36 -17.41 5.11
N ASN C 51 2.87 -16.57 4.19
CA ASN C 51 1.44 -16.27 4.09
C ASN C 51 0.84 -15.60 5.32
N ARG C 52 1.66 -14.93 6.11
CA ARG C 52 1.17 -14.21 7.27
C ARG C 52 0.70 -12.84 6.76
N LEU C 53 -0.43 -12.36 7.28
CA LEU C 53 -1.01 -11.09 6.84
C LEU C 53 -0.68 -9.84 7.67
N PHE C 54 -0.14 -8.82 7.01
CA PHE C 54 0.18 -7.56 7.68
C PHE C 54 -0.60 -6.47 6.93
N GLN C 55 -1.29 -5.59 7.66
CA GLN C 55 -2.06 -4.55 7.01
C GLN C 55 -1.99 -3.18 7.65
N TYR C 56 -2.31 -2.17 6.85
CA TYR C 56 -2.33 -0.78 7.28
C TYR C 56 -3.46 -0.10 6.54
N ALA C 57 -4.17 0.79 7.23
CA ALA C 57 -5.24 1.56 6.62
C ALA C 57 -5.16 2.94 7.29
N SER C 58 -5.16 3.99 6.49
CA SER C 58 -5.06 5.34 7.03
C SER C 58 -6.21 5.57 8.00
N THR C 59 -7.43 5.17 7.61
CA THR C 59 -8.59 5.35 8.47
C THR C 59 -8.98 4.04 9.19
N ASP C 60 -9.68 3.17 8.47
CA ASP C 60 -10.16 1.90 9.00
C ASP C 60 -10.25 0.93 7.81
N MET C 61 -9.66 -0.26 7.92
CA MET C 61 -9.66 -1.21 6.79
C MET C 61 -11.05 -1.51 6.25
N ASP C 62 -11.98 -1.79 7.15
CA ASP C 62 -13.35 -2.08 6.76
C ASP C 62 -13.89 -0.97 5.86
N ARG C 63 -13.67 0.27 6.29
CA ARG C 63 -14.10 1.47 5.57
C ARG C 63 -13.51 1.54 4.16
N VAL C 64 -12.19 1.41 4.08
CA VAL C 64 -11.52 1.48 2.78
C VAL C 64 -11.94 0.36 1.82
N LEU C 65 -12.00 -0.88 2.29
CA LEU C 65 -12.39 -1.96 1.37
C LEU C 65 -13.85 -1.87 0.94
N LEU C 66 -14.72 -1.44 1.85
CA LEU C 66 -16.14 -1.31 1.52
C LEU C 66 -16.26 -0.31 0.39
N LYS C 67 -15.56 0.81 0.52
CA LYS C 67 -15.59 1.82 -0.51
C LYS C 67 -15.05 1.28 -1.84
N TYR C 68 -14.02 0.43 -1.76
CA TYR C 68 -13.44 -0.16 -2.97
C TYR C 68 -14.48 -0.97 -3.75
N THR C 69 -15.31 -1.71 -3.05
CA THR C 69 -16.35 -2.51 -3.71
C THR C 69 -17.34 -1.65 -4.51
N GLU C 70 -17.36 -0.35 -4.23
CA GLU C 70 -18.27 0.57 -4.92
C GLU C 70 -17.78 0.94 -6.32
N TYR C 71 -16.48 0.80 -6.58
CA TYR C 71 -15.93 1.13 -7.89
C TYR C 71 -15.93 -0.02 -8.88
N SER C 72 -16.26 0.29 -10.13
CA SER C 72 -16.27 -0.74 -11.17
C SER C 72 -14.86 -0.95 -11.69
N GLU C 73 -14.05 0.11 -11.65
CA GLU C 73 -12.67 0.04 -12.11
C GLU C 73 -11.87 1.23 -11.57
N PRO C 74 -10.54 1.08 -11.45
CA PRO C 74 -9.71 2.17 -10.95
C PRO C 74 -9.35 3.19 -12.04
N HIS C 75 -8.97 4.38 -11.61
CA HIS C 75 -8.57 5.41 -12.55
C HIS C 75 -7.15 5.07 -12.99
N GLU C 76 -6.42 4.42 -12.10
CA GLU C 76 -5.05 4.01 -12.36
C GLU C 76 -4.77 2.67 -11.69
N SER C 77 -4.19 1.75 -12.45
CA SER C 77 -3.85 0.43 -11.94
C SER C 77 -2.42 0.11 -12.36
N ARG C 78 -1.57 -0.16 -11.38
CA ARG C 78 -0.17 -0.44 -11.64
C ARG C 78 0.22 -1.80 -11.04
N THR C 79 1.27 -2.39 -11.61
CA THR C 79 1.78 -3.68 -11.17
C THR C 79 3.32 -3.60 -11.26
N ASN C 80 4.01 -4.57 -10.67
CA ASN C 80 5.49 -4.60 -10.69
C ASN C 80 6.01 -4.39 -12.11
N THR C 81 5.42 -5.10 -13.08
CA THR C 81 5.82 -4.96 -14.47
C THR C 81 5.84 -3.48 -14.88
N ASP C 82 4.74 -2.77 -14.61
CA ASP C 82 4.63 -1.36 -14.95
C ASP C 82 5.68 -0.49 -14.29
N ILE C 83 5.94 -0.74 -13.01
CA ILE C 83 6.92 0.04 -12.27
C ILE C 83 8.33 -0.26 -12.77
N LEU C 84 8.60 -1.52 -13.05
CA LEU C 84 9.90 -1.92 -13.54
C LEU C 84 10.22 -1.21 -14.84
N GLU C 85 9.25 -1.20 -15.75
CA GLU C 85 9.41 -0.57 -17.06
C GLU C 85 9.64 0.94 -16.92
N THR C 86 8.88 1.59 -16.04
CA THR C 86 9.03 3.02 -15.82
C THR C 86 10.45 3.29 -15.33
N LEU C 87 10.98 2.36 -14.55
CA LEU C 87 12.34 2.49 -14.01
C LEU C 87 13.37 2.20 -15.10
N LYS C 88 13.15 1.11 -15.82
CA LYS C 88 14.05 0.73 -16.92
C LYS C 88 14.12 1.89 -17.90
N ARG C 89 12.96 2.49 -18.18
CA ARG C 89 12.85 3.61 -19.10
C ARG C 89 13.73 4.79 -18.67
N ARG C 90 13.55 5.27 -17.45
CA ARG C 90 14.32 6.39 -16.94
C ARG C 90 15.84 6.11 -16.95
N GLY C 91 16.19 4.83 -16.99
CA GLY C 91 17.59 4.44 -17.00
C GLY C 91 18.35 4.96 -18.20
N ILE C 92 17.66 5.10 -19.33
CA ILE C 92 18.28 5.59 -20.55
C ILE C 92 18.30 7.11 -20.55
N GLY C 93 17.15 7.70 -20.89
CA GLY C 93 17.02 9.14 -20.93
C GLY C 93 15.80 9.57 -21.72
N GLY D 1 14.11 17.28 0.75
CA GLY D 1 13.91 18.46 -0.06
C GLY D 1 14.69 19.63 0.48
N ARG D 2 14.64 20.75 -0.24
CA ARG D 2 15.36 21.94 0.19
C ARG D 2 15.01 22.28 1.62
N LYS D 3 13.76 22.02 2.00
CA LYS D 3 13.30 22.33 3.34
C LYS D 3 12.46 21.19 3.91
N LYS D 4 12.51 21.02 5.23
CA LYS D 4 11.73 19.99 5.89
C LYS D 4 10.28 20.45 6.00
N ILE D 5 9.36 19.59 5.61
CA ILE D 5 7.94 19.92 5.69
C ILE D 5 7.27 19.16 6.82
N GLN D 6 6.35 19.83 7.50
CA GLN D 6 5.61 19.21 8.60
C GLN D 6 4.58 18.29 7.95
N ILE D 7 4.18 17.27 8.70
CA ILE D 7 3.20 16.34 8.16
C ILE D 7 1.79 16.80 8.50
N SER D 8 1.23 17.63 7.63
CA SER D 8 -0.13 18.15 7.78
C SER D 8 -0.61 18.51 6.38
N ARG D 9 -1.92 18.54 6.19
CA ARG D 9 -2.49 18.84 4.89
C ARG D 9 -1.79 19.99 4.19
N ILE D 10 -1.41 19.76 2.93
CA ILE D 10 -0.76 20.79 2.14
C ILE D 10 -1.87 21.76 1.71
N LEU D 11 -1.71 23.03 2.07
CA LEU D 11 -2.70 24.06 1.77
C LEU D 11 -2.85 24.40 0.29
N ASP D 12 -1.74 24.60 -0.40
CA ASP D 12 -1.80 24.96 -1.81
C ASP D 12 -2.24 23.79 -2.70
N GLN D 13 -3.35 23.96 -3.40
CA GLN D 13 -3.88 22.92 -4.28
C GLN D 13 -2.90 22.40 -5.31
N ARG D 14 -2.13 23.30 -5.93
CA ARG D 14 -1.15 22.89 -6.95
C ARG D 14 -0.04 22.04 -6.36
N ASN D 15 0.50 22.47 -5.23
CA ASN D 15 1.58 21.76 -4.58
C ASN D 15 1.11 20.44 -4.00
N ARG D 16 -0.14 20.41 -3.53
CA ARG D 16 -0.70 19.19 -2.97
C ARG D 16 -0.81 18.13 -4.05
N GLN D 17 -1.28 18.53 -5.24
CA GLN D 17 -1.43 17.61 -6.36
C GLN D 17 -0.10 17.13 -6.92
N VAL D 18 0.92 17.99 -6.87
CA VAL D 18 2.25 17.61 -7.36
C VAL D 18 2.91 16.64 -6.38
N THR D 19 2.82 16.93 -5.09
CA THR D 19 3.39 16.06 -4.07
C THR D 19 2.67 14.72 -4.14
N PHE D 20 1.37 14.73 -4.39
CA PHE D 20 0.59 13.49 -4.48
C PHE D 20 1.12 12.57 -5.56
N THR D 21 1.27 13.12 -6.76
CA THR D 21 1.74 12.35 -7.89
C THR D 21 3.13 11.77 -7.67
N LYS D 22 4.04 12.54 -7.12
CA LYS D 22 5.39 12.00 -6.94
C LYS D 22 5.52 11.07 -5.73
N ARG D 23 4.87 11.40 -4.62
CA ARG D 23 4.96 10.52 -3.46
C ARG D 23 4.21 9.22 -3.70
N LYS D 24 3.17 9.27 -4.53
CA LYS D 24 2.40 8.08 -4.87
C LYS D 24 3.31 7.10 -5.62
N PHE D 25 4.09 7.61 -6.57
CA PHE D 25 5.00 6.75 -7.31
C PHE D 25 6.07 6.23 -6.34
N GLY D 26 6.56 7.11 -5.48
CA GLY D 26 7.57 6.75 -4.50
C GLY D 26 7.12 5.59 -3.63
N LEU D 27 5.84 5.62 -3.26
CA LEU D 27 5.27 4.57 -2.42
C LEU D 27 5.16 3.26 -3.20
N MET D 28 4.68 3.34 -4.44
CA MET D 28 4.56 2.13 -5.23
C MET D 28 5.97 1.56 -5.48
N LYS D 29 6.93 2.43 -5.79
CA LYS D 29 8.28 1.97 -6.05
C LYS D 29 8.79 1.20 -4.85
N LYS D 30 8.58 1.74 -3.66
CA LYS D 30 9.02 1.05 -2.46
C LYS D 30 8.26 -0.24 -2.19
N ALA D 31 7.01 -0.31 -2.64
CA ALA D 31 6.20 -1.51 -2.44
C ALA D 31 6.76 -2.61 -3.35
N TYR D 32 7.12 -2.21 -4.57
CA TYR D 32 7.69 -3.12 -5.55
C TYR D 32 8.99 -3.71 -4.99
N GLU D 33 9.90 -2.84 -4.57
CA GLU D 33 11.17 -3.31 -4.00
C GLU D 33 10.95 -4.24 -2.83
N LEU D 34 10.03 -3.89 -1.93
CA LEU D 34 9.76 -4.76 -0.80
C LEU D 34 9.25 -6.14 -1.25
N SER D 35 8.36 -6.18 -2.25
CA SER D 35 7.83 -7.46 -2.71
C SER D 35 8.90 -8.37 -3.32
N VAL D 36 9.82 -7.77 -4.05
CA VAL D 36 10.90 -8.52 -4.69
C VAL D 36 11.99 -8.93 -3.69
N LEU D 37 12.47 -7.96 -2.92
CA LEU D 37 13.52 -8.22 -1.95
C LEU D 37 13.17 -9.24 -0.91
N CYS D 38 11.94 -9.19 -0.41
CA CYS D 38 11.56 -10.10 0.65
C CYS D 38 10.54 -11.18 0.30
N ASP D 39 10.25 -11.29 -0.99
CA ASP D 39 9.32 -12.29 -1.51
C ASP D 39 7.95 -12.27 -0.83
N CYS D 40 7.26 -11.14 -0.93
CA CYS D 40 5.94 -11.03 -0.33
C CYS D 40 5.00 -10.51 -1.39
N GLU D 41 3.71 -10.64 -1.12
CA GLU D 41 2.68 -10.19 -2.04
C GLU D 41 2.04 -8.91 -1.46
N ILE D 42 2.00 -7.86 -2.27
CA ILE D 42 1.49 -6.56 -1.83
C ILE D 42 0.40 -5.90 -2.67
N ALA D 43 -0.57 -5.29 -1.99
CA ALA D 43 -1.66 -4.55 -2.67
C ALA D 43 -1.76 -3.17 -2.01
N LEU D 44 -1.94 -2.16 -2.84
CA LEU D 44 -2.04 -0.79 -2.38
C LEU D 44 -3.27 -0.14 -3.00
N ILE D 45 -4.11 0.45 -2.16
CA ILE D 45 -5.32 1.11 -2.62
C ILE D 45 -5.30 2.55 -2.10
N ILE D 46 -5.43 3.50 -3.02
CA ILE D 46 -5.40 4.91 -2.67
C ILE D 46 -6.57 5.69 -3.27
N PHE D 47 -7.29 6.41 -2.43
CA PHE D 47 -8.40 7.24 -2.91
C PHE D 47 -7.96 8.68 -2.67
N ASN D 48 -7.92 9.51 -3.71
CA ASN D 48 -7.51 10.90 -3.46
C ASN D 48 -8.71 11.69 -2.95
N SER D 49 -8.48 12.97 -2.67
CA SER D 49 -9.53 13.86 -2.15
C SER D 49 -10.78 13.94 -3.03
N ALA D 50 -10.61 13.68 -4.33
CA ALA D 50 -11.74 13.72 -5.26
C ALA D 50 -12.34 12.33 -5.45
N ASN D 51 -12.00 11.41 -4.55
CA ASN D 51 -12.50 10.04 -4.61
C ASN D 51 -12.11 9.25 -5.87
N ARG D 52 -11.00 9.63 -6.48
CA ARG D 52 -10.52 8.91 -7.66
C ARG D 52 -9.66 7.75 -7.10
N LEU D 53 -9.77 6.57 -7.71
CA LEU D 53 -9.04 5.38 -7.26
C LEU D 53 -7.72 5.07 -7.98
N PHE D 54 -6.66 4.95 -7.19
CA PHE D 54 -5.34 4.60 -7.73
C PHE D 54 -4.92 3.32 -7.02
N GLN D 55 -4.47 2.32 -7.77
CA GLN D 55 -4.06 1.06 -7.13
C GLN D 55 -2.79 0.46 -7.68
N TYR D 56 -2.19 -0.40 -6.86
CA TYR D 56 -0.96 -1.12 -7.20
C TYR D 56 -1.05 -2.50 -6.55
N ALA D 57 -0.56 -3.51 -7.26
CA ALA D 57 -0.53 -4.85 -6.72
C ALA D 57 0.76 -5.45 -7.30
N SER D 58 1.56 -6.07 -6.44
CA SER D 58 2.82 -6.66 -6.88
C SER D 58 2.54 -7.70 -7.97
N THR D 59 1.55 -8.56 -7.74
CA THR D 59 1.20 -9.58 -8.72
C THR D 59 -0.03 -9.20 -9.52
N ASP D 60 -1.19 -9.47 -8.94
CA ASP D 60 -2.48 -9.19 -9.55
C ASP D 60 -3.44 -8.78 -8.43
N MET D 61 -4.07 -7.62 -8.56
CA MET D 61 -4.97 -7.14 -7.53
C MET D 61 -6.06 -8.13 -7.15
N ASP D 62 -6.68 -8.72 -8.17
CA ASP D 62 -7.75 -9.68 -7.97
C ASP D 62 -7.26 -10.81 -7.04
N ARG D 63 -6.08 -11.32 -7.37
CA ARG D 63 -5.44 -12.39 -6.62
C ARG D 63 -5.22 -12.03 -5.14
N VAL D 64 -4.59 -10.88 -4.89
CA VAL D 64 -4.32 -10.46 -3.54
C VAL D 64 -5.60 -10.23 -2.72
N LEU D 65 -6.57 -9.52 -3.28
CA LEU D 65 -7.79 -9.26 -2.49
C LEU D 65 -8.62 -10.52 -2.23
N LEU D 66 -8.66 -11.42 -3.20
CA LEU D 66 -9.38 -12.68 -3.02
C LEU D 66 -8.78 -13.41 -1.84
N LYS D 67 -7.46 -13.49 -1.82
CA LYS D 67 -6.77 -14.14 -0.74
C LYS D 67 -7.07 -13.46 0.61
N TYR D 68 -7.16 -12.13 0.59
CA TYR D 68 -7.45 -11.39 1.81
C TYR D 68 -8.80 -11.84 2.41
N THR D 69 -9.80 -12.05 1.55
CA THR D 69 -11.11 -12.45 2.03
C THR D 69 -11.09 -13.80 2.77
N GLU D 70 -10.01 -14.56 2.60
CA GLU D 70 -9.88 -15.86 3.25
C GLU D 70 -9.48 -15.75 4.73
N TYR D 71 -8.89 -14.63 5.13
CA TYR D 71 -8.45 -14.46 6.51
C TYR D 71 -9.52 -13.90 7.44
N SER D 72 -9.60 -14.46 8.64
CA SER D 72 -10.56 -14.02 9.62
C SER D 72 -10.04 -12.75 10.29
N GLU D 73 -8.73 -12.63 10.40
CA GLU D 73 -8.10 -11.46 10.98
C GLU D 73 -6.63 -11.40 10.59
N PRO D 74 -6.05 -10.19 10.57
CA PRO D 74 -4.64 -10.03 10.21
C PRO D 74 -3.69 -10.32 11.38
N HIS D 75 -2.46 -10.67 11.06
CA HIS D 75 -1.47 -10.94 12.10
C HIS D 75 -1.05 -9.59 12.68
N GLU D 76 -1.13 -8.56 11.85
CA GLU D 76 -0.75 -7.21 12.26
C GLU D 76 -1.65 -6.20 11.57
N SER D 77 -2.21 -5.29 12.36
CA SER D 77 -3.08 -4.25 11.83
C SER D 77 -2.60 -2.91 12.38
N ARG D 78 -2.35 -1.98 11.47
CA ARG D 78 -1.87 -0.67 11.85
C ARG D 78 -2.74 0.41 11.23
N THR D 79 -2.77 1.55 11.89
CA THR D 79 -3.56 2.70 11.46
C THR D 79 -2.68 3.94 11.73
N ASN D 80 -3.07 5.09 11.19
CA ASN D 80 -2.33 6.34 11.37
C ASN D 80 -2.04 6.58 12.87
N THR D 81 -3.03 6.38 13.73
CA THR D 81 -2.84 6.56 15.17
C THR D 81 -1.61 5.77 15.62
N ASP D 82 -1.58 4.47 15.28
CA ASP D 82 -0.48 3.60 15.68
C ASP D 82 0.89 4.07 15.18
N ILE D 83 0.92 4.51 13.92
CA ILE D 83 2.17 4.98 13.33
C ILE D 83 2.61 6.28 13.98
N LEU D 84 1.65 7.16 14.25
CA LEU D 84 1.94 8.44 14.86
C LEU D 84 2.59 8.23 16.22
N GLU D 85 1.98 7.36 17.01
CA GLU D 85 2.49 7.06 18.36
C GLU D 85 3.91 6.47 18.31
N THR D 86 4.14 5.56 17.37
CA THR D 86 5.45 4.93 17.23
C THR D 86 6.48 6.00 16.90
N LEU D 87 6.05 7.02 16.16
CA LEU D 87 6.93 8.10 15.78
C LEU D 87 7.18 9.08 16.93
N LYS D 88 6.11 9.50 17.60
CA LYS D 88 6.22 10.43 18.72
C LYS D 88 7.24 9.93 19.73
N ARG D 89 6.96 8.76 20.28
CA ARG D 89 7.84 8.15 21.26
C ARG D 89 8.92 7.38 20.51
N ARG D 90 10.18 7.63 20.85
CA ARG D 90 11.31 6.97 20.20
C ARG D 90 11.35 7.39 18.75
N SER E 4 -13.19 -1.54 13.38
CA SER E 4 -12.65 -2.93 13.45
C SER E 4 -11.63 -3.10 14.58
N PRO E 5 -11.92 -4.00 15.54
CA PRO E 5 -11.07 -4.29 16.71
C PRO E 5 -9.62 -4.62 16.35
N LYS E 6 -9.40 -5.86 15.91
CA LYS E 6 -8.07 -6.31 15.53
C LYS E 6 -7.75 -5.96 14.08
N GLY E 7 -8.65 -5.23 13.43
CA GLY E 7 -8.44 -4.84 12.05
C GLY E 7 -9.23 -5.70 11.08
N SER E 8 -10.04 -6.60 11.62
CA SER E 8 -10.86 -7.49 10.80
C SER E 8 -11.99 -6.73 10.15
N ILE E 9 -12.33 -7.10 8.92
CA ILE E 9 -13.45 -6.45 8.26
C ILE E 9 -14.69 -7.33 8.47
N SER E 10 -15.85 -6.71 8.48
CA SER E 10 -17.10 -7.44 8.69
C SER E 10 -17.32 -8.46 7.58
N GLU E 11 -18.18 -9.44 7.86
CA GLU E 11 -18.51 -10.47 6.88
C GLU E 11 -19.26 -9.87 5.70
N GLU E 12 -20.09 -8.85 5.96
CA GLU E 12 -20.84 -8.22 4.88
C GLU E 12 -19.89 -7.55 3.89
N THR E 13 -18.90 -6.82 4.42
CA THR E 13 -17.91 -6.15 3.57
C THR E 13 -17.14 -7.22 2.81
N LYS E 14 -16.63 -8.19 3.56
CA LYS E 14 -15.86 -9.29 3.03
C LYS E 14 -16.56 -10.00 1.87
N GLN E 15 -17.82 -10.34 2.07
CA GLN E 15 -18.60 -11.03 1.04
C GLN E 15 -18.89 -10.16 -0.16
N LYS E 16 -19.04 -8.85 0.06
CA LYS E 16 -19.26 -7.95 -1.06
C LYS E 16 -17.98 -7.85 -1.90
N LEU E 17 -16.82 -7.82 -1.22
CA LEU E 17 -15.56 -7.73 -1.95
C LEU E 17 -15.41 -8.96 -2.82
N LYS E 18 -15.60 -10.14 -2.21
CA LYS E 18 -15.47 -11.40 -2.92
C LYS E 18 -16.43 -11.46 -4.10
N SER E 19 -17.68 -11.05 -3.89
CA SER E 19 -18.66 -11.06 -4.97
C SER E 19 -18.24 -10.13 -6.09
N ALA E 20 -17.94 -8.89 -5.74
CA ALA E 20 -17.52 -7.92 -6.75
C ALA E 20 -16.40 -8.52 -7.58
N ILE E 21 -15.38 -9.05 -6.92
CA ILE E 21 -14.25 -9.62 -7.63
C ILE E 21 -14.61 -10.86 -8.47
N LEU E 22 -15.26 -11.83 -7.84
CA LEU E 22 -15.67 -13.05 -8.52
C LEU E 22 -16.64 -12.80 -9.66
N SER E 23 -17.68 -11.99 -9.39
CA SER E 23 -18.68 -11.67 -10.40
C SER E 23 -18.10 -10.71 -11.40
N ALA E 24 -16.79 -10.49 -11.30
CA ALA E 24 -16.06 -9.59 -12.20
C ALA E 24 -16.64 -8.17 -12.23
N GLN E 25 -17.17 -7.70 -11.10
CA GLN E 25 -17.75 -6.36 -11.01
C GLN E 25 -16.91 -5.48 -10.08
N SER E 26 -15.63 -5.81 -9.93
CA SER E 26 -14.73 -5.05 -9.06
C SER E 26 -13.60 -4.38 -9.83
N ALA E 27 -13.07 -3.30 -9.26
CA ALA E 27 -11.97 -2.57 -9.87
C ALA E 27 -10.72 -3.46 -9.81
N ALA E 28 -10.81 -4.54 -9.03
CA ALA E 28 -9.71 -5.48 -8.86
C ALA E 28 -9.57 -6.46 -10.02
N ASN E 29 -10.53 -6.44 -10.94
CA ASN E 29 -10.49 -7.35 -12.09
C ASN E 29 -9.68 -6.74 -13.23
N GLY C 1 21.98 2.82 2.44
CA GLY C 1 22.81 1.94 3.31
C GLY C 1 24.27 2.01 2.95
N ARG C 2 25.11 1.34 3.74
CA ARG C 2 26.54 1.35 3.47
C ARG C 2 26.81 0.95 2.03
N LYS C 3 25.99 0.05 1.50
CA LYS C 3 26.17 -0.43 0.14
C LYS C 3 24.85 -0.48 -0.61
N LYS C 4 24.89 -0.26 -1.92
CA LYS C 4 23.70 -0.32 -2.74
C LYS C 4 23.35 -1.79 -3.00
N ILE C 5 22.10 -2.15 -2.76
CA ILE C 5 21.66 -3.52 -2.99
C ILE C 5 20.81 -3.61 -4.25
N GLN C 6 20.98 -4.69 -4.99
CA GLN C 6 20.20 -4.91 -6.20
C GLN C 6 18.82 -5.34 -5.76
N ILE C 7 17.83 -5.10 -6.61
CA ILE C 7 16.48 -5.49 -6.26
C ILE C 7 16.19 -6.90 -6.75
N SER C 8 16.48 -7.87 -5.89
CA SER C 8 16.23 -9.29 -6.16
C SER C 8 16.13 -9.97 -4.80
N ARG C 9 15.46 -11.11 -4.77
CA ARG C 9 15.25 -11.83 -3.52
C ARG C 9 16.51 -11.90 -2.66
N ILE C 10 16.36 -11.53 -1.40
CA ILE C 10 17.47 -11.57 -0.46
C ILE C 10 17.67 -13.04 -0.11
N LEU C 11 18.88 -13.54 -0.35
CA LEU C 11 19.20 -14.95 -0.10
C LEU C 11 19.23 -15.36 1.37
N ASP C 12 19.88 -14.57 2.20
CA ASP C 12 19.98 -14.90 3.61
C ASP C 12 18.64 -14.71 4.36
N GLN C 13 18.13 -15.80 4.92
CA GLN C 13 16.86 -15.76 5.66
C GLN C 13 16.81 -14.72 6.78
N ARG C 14 17.89 -14.58 7.53
CA ARG C 14 17.94 -13.61 8.64
C ARG C 14 17.86 -12.18 8.13
N ASN C 15 18.66 -11.87 7.11
CA ASN C 15 18.68 -10.53 6.55
C ASN C 15 17.38 -10.20 5.82
N ARG C 16 16.76 -11.21 5.21
CA ARG C 16 15.51 -11.00 4.49
C ARG C 16 14.42 -10.62 5.48
N GLN C 17 14.37 -11.29 6.62
CA GLN C 17 13.38 -11.02 7.66
C GLN C 17 13.60 -9.66 8.34
N VAL C 18 14.86 -9.25 8.46
CA VAL C 18 15.17 -7.97 9.09
C VAL C 18 14.80 -6.85 8.14
N THR C 19 15.19 -6.99 6.87
CA THR C 19 14.85 -5.98 5.87
C THR C 19 13.32 -5.87 5.73
N PHE C 20 12.63 -7.01 5.85
CA PHE C 20 11.18 -7.03 5.75
C PHE C 20 10.53 -6.16 6.81
N THR C 21 10.91 -6.39 8.06
CA THR C 21 10.37 -5.66 9.19
C THR C 21 10.63 -4.17 9.09
N LYS C 22 11.84 -3.76 8.74
CA LYS C 22 12.10 -2.33 8.67
C LYS C 22 11.54 -1.66 7.43
N ARG C 23 11.59 -2.31 6.27
CA ARG C 23 11.03 -1.70 5.06
C ARG C 23 9.52 -1.66 5.11
N LYS C 24 8.94 -2.62 5.83
CA LYS C 24 7.48 -2.66 5.99
C LYS C 24 7.05 -1.42 6.78
N PHE C 25 7.77 -1.07 7.83
CA PHE C 25 7.42 0.10 8.61
C PHE C 25 7.65 1.34 7.76
N GLY C 26 8.76 1.36 7.03
CA GLY C 26 9.07 2.49 6.17
C GLY C 26 7.98 2.75 5.15
N LEU C 27 7.38 1.67 4.65
CA LEU C 27 6.31 1.79 3.66
C LEU C 27 5.04 2.31 4.31
N MET C 28 4.71 1.79 5.48
CA MET C 28 3.52 2.29 6.17
C MET C 28 3.73 3.74 6.56
N LYS C 29 4.92 4.08 7.04
CA LYS C 29 5.21 5.46 7.42
C LYS C 29 4.95 6.38 6.26
N LYS C 30 5.45 6.01 5.09
CA LYS C 30 5.25 6.83 3.91
C LYS C 30 3.78 6.87 3.46
N ALA C 31 3.03 5.79 3.72
CA ALA C 31 1.62 5.75 3.37
C ALA C 31 0.88 6.75 4.28
N TYR C 32 1.25 6.76 5.56
CA TYR C 32 0.66 7.67 6.53
C TYR C 32 0.90 9.10 6.09
N GLU C 33 2.17 9.46 5.81
CA GLU C 33 2.50 10.81 5.38
C GLU C 33 1.72 11.19 4.12
N LEU C 34 1.62 10.28 3.17
CA LEU C 34 0.90 10.58 1.96
C LEU C 34 -0.58 10.86 2.24
N SER C 35 -1.21 10.08 3.13
CA SER C 35 -2.63 10.27 3.44
C SER C 35 -2.89 11.62 4.12
N VAL C 36 -2.00 12.04 5.00
CA VAL C 36 -2.17 13.31 5.70
C VAL C 36 -1.81 14.51 4.80
N LEU C 37 -0.64 14.47 4.18
CA LEU C 37 -0.20 15.56 3.32
C LEU C 37 -1.13 15.87 2.15
N CYS C 38 -1.66 14.83 1.52
CA CYS C 38 -2.51 15.06 0.36
C CYS C 38 -4.00 14.74 0.53
N ASP C 39 -4.39 14.46 1.77
CA ASP C 39 -5.78 14.17 2.10
C ASP C 39 -6.39 13.06 1.26
N CYS C 40 -5.82 11.86 1.36
CA CYS C 40 -6.33 10.72 0.63
C CYS C 40 -6.51 9.57 1.60
N GLU C 41 -7.26 8.56 1.18
CA GLU C 41 -7.52 7.39 2.00
C GLU C 41 -6.71 6.22 1.45
N ILE C 42 -5.93 5.57 2.31
CA ILE C 42 -5.05 4.50 1.87
C ILE C 42 -5.17 3.18 2.64
N ALA C 43 -5.09 2.08 1.91
CA ALA C 43 -5.09 0.73 2.48
C ALA C 43 -3.88 -0.01 1.91
N LEU C 44 -3.19 -0.75 2.77
CA LEU C 44 -2.03 -1.53 2.37
C LEU C 44 -2.18 -2.95 2.92
N ILE C 45 -2.06 -3.92 2.02
CA ILE C 45 -2.17 -5.34 2.37
C ILE C 45 -0.88 -6.07 1.95
N ILE C 46 -0.22 -6.71 2.90
CA ILE C 46 1.04 -7.42 2.66
C ILE C 46 0.99 -8.87 3.18
N PHE C 47 1.35 -9.81 2.32
CA PHE C 47 1.41 -11.21 2.72
C PHE C 47 2.88 -11.58 2.64
N ASN C 48 3.49 -12.03 3.73
CA ASN C 48 4.90 -12.42 3.62
C ASN C 48 5.01 -13.83 3.01
N SER C 49 6.24 -14.31 2.87
CA SER C 49 6.51 -15.62 2.28
C SER C 49 5.83 -16.78 3.00
N ALA C 50 5.54 -16.60 4.29
CA ALA C 50 4.87 -17.63 5.08
C ALA C 50 3.36 -17.41 5.11
N ASN C 51 2.87 -16.57 4.19
CA ASN C 51 1.44 -16.27 4.09
C ASN C 51 0.84 -15.60 5.32
N ARG C 52 1.66 -14.93 6.11
CA ARG C 52 1.17 -14.21 7.27
C ARG C 52 0.70 -12.84 6.76
N LEU C 53 -0.43 -12.36 7.28
CA LEU C 53 -1.01 -11.09 6.84
C LEU C 53 -0.68 -9.84 7.67
N PHE C 54 -0.14 -8.82 7.01
CA PHE C 54 0.18 -7.56 7.68
C PHE C 54 -0.60 -6.47 6.93
N GLN C 55 -1.29 -5.59 7.66
CA GLN C 55 -2.06 -4.55 7.01
C GLN C 55 -1.99 -3.18 7.65
N TYR C 56 -2.31 -2.17 6.85
CA TYR C 56 -2.33 -0.78 7.28
C TYR C 56 -3.46 -0.10 6.54
N ALA C 57 -4.17 0.79 7.23
CA ALA C 57 -5.24 1.56 6.62
C ALA C 57 -5.16 2.94 7.29
N SER C 58 -5.16 3.99 6.49
CA SER C 58 -5.06 5.34 7.03
C SER C 58 -6.21 5.57 8.00
N THR C 59 -7.43 5.17 7.61
CA THR C 59 -8.59 5.35 8.47
C THR C 59 -8.98 4.04 9.19
N ASP C 60 -9.68 3.17 8.47
CA ASP C 60 -10.16 1.90 9.00
C ASP C 60 -10.25 0.93 7.81
N MET C 61 -9.66 -0.26 7.92
CA MET C 61 -9.66 -1.21 6.79
C MET C 61 -11.05 -1.51 6.25
N ASP C 62 -11.98 -1.79 7.15
CA ASP C 62 -13.35 -2.08 6.76
C ASP C 62 -13.89 -0.97 5.86
N ARG C 63 -13.67 0.27 6.29
CA ARG C 63 -14.10 1.47 5.57
C ARG C 63 -13.51 1.54 4.16
N VAL C 64 -12.19 1.41 4.08
CA VAL C 64 -11.52 1.48 2.78
C VAL C 64 -11.94 0.36 1.82
N LEU C 65 -12.00 -0.88 2.29
CA LEU C 65 -12.39 -1.96 1.37
C LEU C 65 -13.85 -1.87 0.94
N LEU C 66 -14.72 -1.44 1.85
CA LEU C 66 -16.14 -1.31 1.52
C LEU C 66 -16.26 -0.31 0.39
N LYS C 67 -15.56 0.81 0.52
CA LYS C 67 -15.59 1.82 -0.51
C LYS C 67 -15.05 1.28 -1.84
N TYR C 68 -14.02 0.43 -1.76
CA TYR C 68 -13.44 -0.16 -2.97
C TYR C 68 -14.48 -0.97 -3.75
N THR C 69 -15.31 -1.71 -3.05
CA THR C 69 -16.35 -2.51 -3.71
C THR C 69 -17.34 -1.65 -4.51
N GLU C 70 -17.36 -0.35 -4.23
CA GLU C 70 -18.27 0.57 -4.92
C GLU C 70 -17.78 0.94 -6.32
N TYR C 71 -16.48 0.80 -6.58
CA TYR C 71 -15.93 1.13 -7.89
C TYR C 71 -15.93 -0.02 -8.88
N SER C 72 -16.26 0.29 -10.13
CA SER C 72 -16.27 -0.74 -11.17
C SER C 72 -14.86 -0.95 -11.69
N GLU C 73 -14.05 0.11 -11.65
CA GLU C 73 -12.67 0.04 -12.11
C GLU C 73 -11.87 1.23 -11.57
N PRO C 74 -10.54 1.08 -11.45
CA PRO C 74 -9.71 2.17 -10.95
C PRO C 74 -9.35 3.19 -12.04
N HIS C 75 -8.97 4.38 -11.61
CA HIS C 75 -8.57 5.41 -12.55
C HIS C 75 -7.15 5.07 -12.99
N GLU C 76 -6.42 4.42 -12.10
CA GLU C 76 -5.05 4.01 -12.36
C GLU C 76 -4.77 2.67 -11.69
N SER C 77 -4.19 1.75 -12.45
CA SER C 77 -3.85 0.43 -11.94
C SER C 77 -2.42 0.11 -12.36
N ARG C 78 -1.57 -0.16 -11.38
CA ARG C 78 -0.17 -0.44 -11.64
C ARG C 78 0.22 -1.80 -11.04
N THR C 79 1.27 -2.39 -11.61
CA THR C 79 1.78 -3.68 -11.17
C THR C 79 3.32 -3.60 -11.26
N ASN C 80 4.01 -4.57 -10.67
CA ASN C 80 5.49 -4.60 -10.69
C ASN C 80 6.01 -4.39 -12.11
N THR C 81 5.42 -5.10 -13.08
CA THR C 81 5.82 -4.96 -14.47
C THR C 81 5.84 -3.48 -14.88
N ASP C 82 4.74 -2.77 -14.61
CA ASP C 82 4.63 -1.36 -14.95
C ASP C 82 5.68 -0.49 -14.29
N ILE C 83 5.94 -0.74 -13.01
CA ILE C 83 6.92 0.04 -12.27
C ILE C 83 8.33 -0.26 -12.77
N LEU C 84 8.60 -1.52 -13.05
CA LEU C 84 9.90 -1.92 -13.54
C LEU C 84 10.22 -1.21 -14.84
N GLU C 85 9.25 -1.20 -15.75
CA GLU C 85 9.41 -0.57 -17.06
C GLU C 85 9.64 0.94 -16.92
N THR C 86 8.88 1.59 -16.04
CA THR C 86 9.03 3.02 -15.82
C THR C 86 10.45 3.29 -15.33
N LEU C 87 10.98 2.36 -14.55
CA LEU C 87 12.34 2.49 -14.01
C LEU C 87 13.37 2.20 -15.10
N LYS C 88 13.15 1.11 -15.82
CA LYS C 88 14.05 0.73 -16.92
C LYS C 88 14.12 1.89 -17.90
N ARG C 89 12.96 2.49 -18.18
CA ARG C 89 12.85 3.61 -19.10
C ARG C 89 13.73 4.79 -18.67
N ARG C 90 13.55 5.27 -17.45
CA ARG C 90 14.32 6.39 -16.94
C ARG C 90 15.84 6.11 -16.95
N GLY C 91 16.19 4.83 -16.99
CA GLY C 91 17.59 4.44 -17.00
C GLY C 91 18.35 4.96 -18.20
N ILE C 92 17.66 5.10 -19.33
CA ILE C 92 18.28 5.59 -20.55
C ILE C 92 18.30 7.11 -20.55
N GLY C 93 17.15 7.70 -20.89
CA GLY C 93 17.02 9.14 -20.93
C GLY C 93 15.80 9.57 -21.72
N GLY D 1 14.11 17.28 0.75
CA GLY D 1 13.91 18.46 -0.06
C GLY D 1 14.69 19.63 0.48
N ARG D 2 14.64 20.75 -0.24
CA ARG D 2 15.36 21.94 0.19
C ARG D 2 15.01 22.28 1.62
N LYS D 3 13.76 22.02 2.00
CA LYS D 3 13.30 22.33 3.34
C LYS D 3 12.46 21.19 3.91
N LYS D 4 12.51 21.02 5.23
CA LYS D 4 11.73 19.99 5.89
C LYS D 4 10.28 20.45 6.00
N ILE D 5 9.36 19.59 5.61
CA ILE D 5 7.94 19.92 5.69
C ILE D 5 7.27 19.16 6.82
N GLN D 6 6.35 19.83 7.50
CA GLN D 6 5.61 19.21 8.60
C GLN D 6 4.58 18.29 7.95
N ILE D 7 4.18 17.27 8.70
CA ILE D 7 3.20 16.34 8.16
C ILE D 7 1.79 16.80 8.50
N SER D 8 1.23 17.63 7.63
CA SER D 8 -0.13 18.15 7.78
C SER D 8 -0.61 18.51 6.38
N ARG D 9 -1.92 18.54 6.19
CA ARG D 9 -2.49 18.84 4.89
C ARG D 9 -1.79 19.99 4.19
N ILE D 10 -1.41 19.76 2.93
CA ILE D 10 -0.76 20.79 2.14
C ILE D 10 -1.87 21.76 1.71
N LEU D 11 -1.71 23.03 2.07
CA LEU D 11 -2.70 24.06 1.77
C LEU D 11 -2.85 24.40 0.29
N ASP D 12 -1.74 24.60 -0.40
CA ASP D 12 -1.80 24.96 -1.81
C ASP D 12 -2.24 23.79 -2.70
N GLN D 13 -3.35 23.96 -3.40
CA GLN D 13 -3.88 22.92 -4.28
C GLN D 13 -2.90 22.40 -5.31
N ARG D 14 -2.13 23.30 -5.93
CA ARG D 14 -1.15 22.89 -6.95
C ARG D 14 -0.04 22.04 -6.36
N ASN D 15 0.50 22.47 -5.23
CA ASN D 15 1.58 21.76 -4.58
C ASN D 15 1.11 20.44 -4.00
N ARG D 16 -0.14 20.41 -3.53
CA ARG D 16 -0.70 19.19 -2.97
C ARG D 16 -0.81 18.13 -4.05
N GLN D 17 -1.28 18.53 -5.24
CA GLN D 17 -1.43 17.61 -6.36
C GLN D 17 -0.10 17.13 -6.92
N VAL D 18 0.92 17.99 -6.87
CA VAL D 18 2.25 17.61 -7.36
C VAL D 18 2.91 16.64 -6.38
N THR D 19 2.82 16.93 -5.09
CA THR D 19 3.39 16.06 -4.07
C THR D 19 2.67 14.72 -4.14
N PHE D 20 1.37 14.73 -4.39
CA PHE D 20 0.59 13.49 -4.48
C PHE D 20 1.12 12.57 -5.56
N THR D 21 1.27 13.12 -6.76
CA THR D 21 1.74 12.35 -7.89
C THR D 21 3.13 11.77 -7.67
N LYS D 22 4.04 12.54 -7.12
CA LYS D 22 5.39 12.00 -6.94
C LYS D 22 5.52 11.07 -5.73
N ARG D 23 4.87 11.40 -4.62
CA ARG D 23 4.96 10.52 -3.46
C ARG D 23 4.21 9.22 -3.70
N LYS D 24 3.17 9.27 -4.53
CA LYS D 24 2.40 8.08 -4.87
C LYS D 24 3.31 7.10 -5.62
N PHE D 25 4.09 7.61 -6.57
CA PHE D 25 5.00 6.75 -7.31
C PHE D 25 6.07 6.23 -6.34
N GLY D 26 6.56 7.11 -5.48
CA GLY D 26 7.57 6.75 -4.50
C GLY D 26 7.12 5.59 -3.63
N LEU D 27 5.84 5.62 -3.26
CA LEU D 27 5.27 4.57 -2.42
C LEU D 27 5.16 3.26 -3.20
N MET D 28 4.68 3.34 -4.44
CA MET D 28 4.56 2.13 -5.23
C MET D 28 5.97 1.56 -5.48
N LYS D 29 6.93 2.43 -5.79
CA LYS D 29 8.28 1.97 -6.05
C LYS D 29 8.79 1.20 -4.85
N LYS D 30 8.58 1.74 -3.66
CA LYS D 30 9.02 1.05 -2.46
C LYS D 30 8.26 -0.24 -2.19
N ALA D 31 7.01 -0.31 -2.64
CA ALA D 31 6.20 -1.51 -2.44
C ALA D 31 6.76 -2.61 -3.35
N TYR D 32 7.12 -2.21 -4.57
CA TYR D 32 7.69 -3.12 -5.55
C TYR D 32 8.99 -3.71 -4.99
N GLU D 33 9.90 -2.84 -4.57
CA GLU D 33 11.17 -3.31 -4.00
C GLU D 33 10.95 -4.24 -2.83
N LEU D 34 10.03 -3.89 -1.93
CA LEU D 34 9.76 -4.76 -0.80
C LEU D 34 9.25 -6.14 -1.25
N SER D 35 8.36 -6.18 -2.25
CA SER D 35 7.83 -7.46 -2.71
C SER D 35 8.90 -8.37 -3.32
N VAL D 36 9.82 -7.77 -4.05
CA VAL D 36 10.90 -8.52 -4.69
C VAL D 36 11.99 -8.93 -3.69
N LEU D 37 12.47 -7.96 -2.92
CA LEU D 37 13.52 -8.22 -1.95
C LEU D 37 13.17 -9.24 -0.91
N CYS D 38 11.94 -9.19 -0.41
CA CYS D 38 11.56 -10.10 0.65
C CYS D 38 10.54 -11.18 0.30
N ASP D 39 10.25 -11.29 -0.99
CA ASP D 39 9.32 -12.29 -1.51
C ASP D 39 7.95 -12.27 -0.83
N CYS D 40 7.26 -11.14 -0.93
CA CYS D 40 5.94 -11.03 -0.33
C CYS D 40 5.00 -10.51 -1.39
N GLU D 41 3.71 -10.64 -1.12
CA GLU D 41 2.68 -10.19 -2.04
C GLU D 41 2.04 -8.91 -1.46
N ILE D 42 2.00 -7.86 -2.27
CA ILE D 42 1.49 -6.56 -1.83
C ILE D 42 0.40 -5.90 -2.67
N ALA D 43 -0.57 -5.29 -1.99
CA ALA D 43 -1.66 -4.55 -2.67
C ALA D 43 -1.76 -3.17 -2.01
N LEU D 44 -1.94 -2.16 -2.84
CA LEU D 44 -2.04 -0.79 -2.38
C LEU D 44 -3.27 -0.14 -3.00
N ILE D 45 -4.11 0.45 -2.16
CA ILE D 45 -5.32 1.11 -2.62
C ILE D 45 -5.30 2.55 -2.10
N ILE D 46 -5.43 3.50 -3.02
CA ILE D 46 -5.40 4.91 -2.67
C ILE D 46 -6.57 5.69 -3.27
N PHE D 47 -7.29 6.41 -2.43
CA PHE D 47 -8.40 7.24 -2.91
C PHE D 47 -7.96 8.68 -2.67
N ASN D 48 -7.92 9.51 -3.71
CA ASN D 48 -7.51 10.90 -3.46
C ASN D 48 -8.71 11.69 -2.95
N SER D 49 -8.48 12.97 -2.67
CA SER D 49 -9.53 13.86 -2.15
C SER D 49 -10.78 13.94 -3.03
N ALA D 50 -10.61 13.68 -4.33
CA ALA D 50 -11.74 13.72 -5.26
C ALA D 50 -12.34 12.33 -5.45
N ASN D 51 -12.00 11.41 -4.55
CA ASN D 51 -12.50 10.04 -4.61
C ASN D 51 -12.11 9.25 -5.87
N ARG D 52 -11.00 9.63 -6.48
CA ARG D 52 -10.52 8.91 -7.66
C ARG D 52 -9.66 7.75 -7.10
N LEU D 53 -9.77 6.57 -7.71
CA LEU D 53 -9.04 5.38 -7.26
C LEU D 53 -7.72 5.07 -7.98
N PHE D 54 -6.66 4.95 -7.19
CA PHE D 54 -5.34 4.60 -7.73
C PHE D 54 -4.92 3.32 -7.02
N GLN D 55 -4.47 2.32 -7.77
CA GLN D 55 -4.06 1.06 -7.13
C GLN D 55 -2.79 0.46 -7.68
N TYR D 56 -2.19 -0.40 -6.86
CA TYR D 56 -0.96 -1.12 -7.20
C TYR D 56 -1.05 -2.50 -6.55
N ALA D 57 -0.56 -3.51 -7.26
CA ALA D 57 -0.53 -4.85 -6.72
C ALA D 57 0.76 -5.45 -7.30
N SER D 58 1.56 -6.07 -6.44
CA SER D 58 2.82 -6.66 -6.88
C SER D 58 2.54 -7.70 -7.97
N THR D 59 1.55 -8.56 -7.74
CA THR D 59 1.20 -9.58 -8.72
C THR D 59 -0.03 -9.20 -9.52
N ASP D 60 -1.19 -9.47 -8.94
CA ASP D 60 -2.48 -9.19 -9.55
C ASP D 60 -3.44 -8.78 -8.43
N MET D 61 -4.07 -7.62 -8.56
CA MET D 61 -4.97 -7.14 -7.53
C MET D 61 -6.06 -8.13 -7.15
N ASP D 62 -6.68 -8.72 -8.17
CA ASP D 62 -7.75 -9.68 -7.97
C ASP D 62 -7.26 -10.81 -7.04
N ARG D 63 -6.08 -11.32 -7.37
CA ARG D 63 -5.44 -12.39 -6.62
C ARG D 63 -5.22 -12.03 -5.14
N VAL D 64 -4.59 -10.88 -4.89
CA VAL D 64 -4.32 -10.46 -3.54
C VAL D 64 -5.60 -10.23 -2.72
N LEU D 65 -6.57 -9.52 -3.28
CA LEU D 65 -7.79 -9.26 -2.49
C LEU D 65 -8.62 -10.52 -2.23
N LEU D 66 -8.66 -11.42 -3.20
CA LEU D 66 -9.38 -12.68 -3.02
C LEU D 66 -8.78 -13.41 -1.84
N LYS D 67 -7.46 -13.49 -1.82
CA LYS D 67 -6.77 -14.14 -0.74
C LYS D 67 -7.07 -13.46 0.61
N TYR D 68 -7.16 -12.13 0.59
CA TYR D 68 -7.45 -11.39 1.81
C TYR D 68 -8.80 -11.84 2.41
N THR D 69 -9.80 -12.05 1.55
CA THR D 69 -11.11 -12.45 2.03
C THR D 69 -11.09 -13.80 2.77
N GLU D 70 -10.01 -14.56 2.60
CA GLU D 70 -9.88 -15.86 3.25
C GLU D 70 -9.48 -15.75 4.73
N TYR D 71 -8.89 -14.63 5.13
CA TYR D 71 -8.45 -14.46 6.51
C TYR D 71 -9.52 -13.90 7.44
N SER D 72 -9.60 -14.46 8.64
CA SER D 72 -10.56 -14.02 9.62
C SER D 72 -10.04 -12.75 10.29
N GLU D 73 -8.73 -12.63 10.40
CA GLU D 73 -8.10 -11.46 10.98
C GLU D 73 -6.63 -11.40 10.59
N PRO D 74 -6.05 -10.19 10.57
CA PRO D 74 -4.64 -10.03 10.21
C PRO D 74 -3.69 -10.32 11.38
N HIS D 75 -2.46 -10.67 11.06
CA HIS D 75 -1.47 -10.94 12.10
C HIS D 75 -1.05 -9.59 12.68
N GLU D 76 -1.13 -8.56 11.85
CA GLU D 76 -0.75 -7.21 12.26
C GLU D 76 -1.65 -6.20 11.57
N SER D 77 -2.21 -5.29 12.36
CA SER D 77 -3.08 -4.25 11.83
C SER D 77 -2.60 -2.91 12.38
N ARG D 78 -2.35 -1.98 11.47
CA ARG D 78 -1.87 -0.67 11.85
C ARG D 78 -2.74 0.41 11.23
N THR D 79 -2.77 1.55 11.89
CA THR D 79 -3.56 2.70 11.46
C THR D 79 -2.68 3.94 11.73
N ASN D 80 -3.07 5.09 11.19
CA ASN D 80 -2.33 6.34 11.37
C ASN D 80 -2.04 6.58 12.87
N THR D 81 -3.03 6.38 13.73
CA THR D 81 -2.84 6.56 15.17
C THR D 81 -1.61 5.77 15.62
N ASP D 82 -1.58 4.47 15.28
CA ASP D 82 -0.48 3.60 15.68
C ASP D 82 0.89 4.07 15.18
N ILE D 83 0.92 4.51 13.92
CA ILE D 83 2.17 4.98 13.33
C ILE D 83 2.61 6.28 13.98
N LEU D 84 1.65 7.16 14.25
CA LEU D 84 1.94 8.44 14.86
C LEU D 84 2.59 8.23 16.22
N GLU D 85 1.98 7.36 17.01
CA GLU D 85 2.49 7.06 18.36
C GLU D 85 3.91 6.47 18.31
N THR D 86 4.14 5.56 17.37
CA THR D 86 5.45 4.93 17.23
C THR D 86 6.48 6.00 16.90
N LEU D 87 6.05 7.02 16.16
CA LEU D 87 6.93 8.10 15.78
C LEU D 87 7.18 9.08 16.93
N LYS D 88 6.11 9.50 17.60
CA LYS D 88 6.22 10.43 18.72
C LYS D 88 7.24 9.93 19.73
N ARG D 89 6.96 8.76 20.28
CA ARG D 89 7.84 8.15 21.26
C ARG D 89 8.92 7.38 20.51
N ARG D 90 10.18 7.63 20.85
CA ARG D 90 11.31 6.97 20.20
C ARG D 90 11.35 7.39 18.75
N SER E 4 -13.19 -1.54 13.38
CA SER E 4 -12.65 -2.93 13.45
C SER E 4 -11.63 -3.10 14.58
N PRO E 5 -11.92 -4.00 15.54
CA PRO E 5 -11.07 -4.29 16.71
C PRO E 5 -9.62 -4.62 16.35
N LYS E 6 -9.40 -5.86 15.91
CA LYS E 6 -8.07 -6.31 15.53
C LYS E 6 -7.75 -5.96 14.08
N GLY E 7 -8.65 -5.23 13.43
CA GLY E 7 -8.44 -4.84 12.05
C GLY E 7 -9.23 -5.70 11.08
N SER E 8 -10.04 -6.60 11.62
CA SER E 8 -10.86 -7.49 10.80
C SER E 8 -11.99 -6.73 10.15
N ILE E 9 -12.33 -7.10 8.92
CA ILE E 9 -13.45 -6.45 8.26
C ILE E 9 -14.69 -7.33 8.47
N SER E 10 -15.85 -6.71 8.48
CA SER E 10 -17.10 -7.44 8.69
C SER E 10 -17.32 -8.46 7.58
N GLU E 11 -18.18 -9.44 7.86
CA GLU E 11 -18.51 -10.47 6.88
C GLU E 11 -19.26 -9.87 5.70
N GLU E 12 -20.09 -8.85 5.96
CA GLU E 12 -20.84 -8.22 4.88
C GLU E 12 -19.89 -7.55 3.89
N THR E 13 -18.90 -6.82 4.42
CA THR E 13 -17.91 -6.15 3.57
C THR E 13 -17.14 -7.22 2.81
N LYS E 14 -16.63 -8.19 3.56
CA LYS E 14 -15.86 -9.29 3.03
C LYS E 14 -16.56 -10.00 1.87
N GLN E 15 -17.82 -10.34 2.07
CA GLN E 15 -18.60 -11.03 1.04
C GLN E 15 -18.89 -10.16 -0.16
N LYS E 16 -19.04 -8.85 0.06
CA LYS E 16 -19.26 -7.95 -1.06
C LYS E 16 -17.98 -7.85 -1.90
N LEU E 17 -16.82 -7.82 -1.22
CA LEU E 17 -15.56 -7.73 -1.95
C LEU E 17 -15.41 -8.96 -2.82
N LYS E 18 -15.60 -10.14 -2.21
CA LYS E 18 -15.47 -11.40 -2.92
C LYS E 18 -16.43 -11.46 -4.10
N SER E 19 -17.68 -11.05 -3.89
CA SER E 19 -18.66 -11.06 -4.97
C SER E 19 -18.24 -10.13 -6.09
N ALA E 20 -17.94 -8.89 -5.74
CA ALA E 20 -17.52 -7.92 -6.75
C ALA E 20 -16.40 -8.52 -7.58
N ILE E 21 -15.38 -9.05 -6.92
CA ILE E 21 -14.25 -9.62 -7.63
C ILE E 21 -14.61 -10.86 -8.47
N LEU E 22 -15.26 -11.83 -7.84
CA LEU E 22 -15.67 -13.05 -8.52
C LEU E 22 -16.64 -12.80 -9.66
N SER E 23 -17.68 -11.99 -9.39
CA SER E 23 -18.68 -11.67 -10.40
C SER E 23 -18.10 -10.71 -11.40
N ALA E 24 -16.79 -10.49 -11.30
CA ALA E 24 -16.06 -9.59 -12.20
C ALA E 24 -16.64 -8.17 -12.23
N GLN E 25 -17.17 -7.70 -11.10
CA GLN E 25 -17.75 -6.36 -11.01
C GLN E 25 -16.91 -5.48 -10.08
N SER E 26 -15.63 -5.81 -9.93
CA SER E 26 -14.73 -5.05 -9.06
C SER E 26 -13.60 -4.38 -9.83
N ALA E 27 -13.07 -3.30 -9.26
CA ALA E 27 -11.97 -2.57 -9.87
C ALA E 27 -10.72 -3.46 -9.81
N ALA E 28 -10.81 -4.54 -9.03
CA ALA E 28 -9.71 -5.48 -8.86
C ALA E 28 -9.57 -6.46 -10.02
N ASN E 29 -10.53 -6.44 -10.94
CA ASN E 29 -10.49 -7.35 -12.09
C ASN E 29 -9.68 -6.74 -13.23
#